data_7MPA
#
_entry.id   7MPA
#
_entity_poly.entity_id   1
_entity_poly.type   'polypeptide(L)'
_entity_poly.pdbx_seq_one_letter_code
;AMAEKAGSTFSHLLVPILLLIGWIVGCIIMIYVVFS
;
_entity_poly.pdbx_strand_id   A
#
# COMPACT_ATOMS: atom_id res chain seq x y z
N MET A 2 -19.35 2.13 -3.95
CA MET A 2 -20.02 2.79 -2.79
C MET A 2 -20.43 4.20 -3.18
N ALA A 3 -19.44 5.03 -3.49
CA ALA A 3 -19.71 6.42 -3.89
C ALA A 3 -19.30 6.66 -5.33
N GLU A 4 -20.20 7.24 -6.11
CA GLU A 4 -19.92 7.52 -7.51
C GLU A 4 -18.85 8.61 -7.63
N LYS A 5 -18.66 9.37 -6.56
CA LYS A 5 -17.67 10.44 -6.56
C LYS A 5 -16.26 9.86 -6.63
N ALA A 6 -15.48 10.33 -7.59
CA ALA A 6 -14.11 9.85 -7.76
C ALA A 6 -13.28 10.15 -6.51
N GLY A 7 -13.34 11.39 -6.05
CA GLY A 7 -12.59 11.78 -4.86
C GLY A 7 -12.79 10.76 -3.73
N SER A 8 -14.04 10.50 -3.38
CA SER A 8 -14.36 9.55 -2.32
C SER A 8 -13.88 8.16 -2.70
N THR A 9 -14.02 7.82 -3.98
CA THR A 9 -13.61 6.50 -4.45
C THR A 9 -12.11 6.28 -4.24
N PHE A 10 -11.32 7.28 -4.60
CA PHE A 10 -9.88 7.18 -4.45
C PHE A 10 -9.50 7.08 -2.97
N SER A 11 -10.17 7.88 -2.15
CA SER A 11 -9.90 7.87 -0.72
C SER A 11 -10.20 6.49 -0.12
N HIS A 12 -11.32 5.91 -0.52
CA HIS A 12 -11.71 4.61 -0.02
C HIS A 12 -10.66 3.56 -0.38
N LEU A 13 -10.18 3.61 -1.61
CA LEU A 13 -9.18 2.65 -2.07
C LEU A 13 -7.79 3.06 -1.58
N LEU A 14 -7.62 4.34 -1.29
CA LEU A 14 -6.33 4.84 -0.84
C LEU A 14 -5.90 4.15 0.45
N VAL A 15 -6.85 3.95 1.36
CA VAL A 15 -6.54 3.31 2.63
C VAL A 15 -5.93 1.94 2.42
N PRO A 16 -6.63 1.06 1.76
CA PRO A 16 -6.16 -0.33 1.50
C PRO A 16 -4.91 -0.35 0.62
N ILE A 17 -4.74 0.69 -0.19
CA ILE A 17 -3.58 0.79 -1.06
C ILE A 17 -2.30 0.99 -0.26
N LEU A 18 -2.37 1.85 0.75
CA LEU A 18 -1.22 2.12 1.60
C LEU A 18 -0.86 0.89 2.43
N LEU A 19 -1.90 0.19 2.91
CA LEU A 19 -1.68 -1.01 3.72
C LEU A 19 -1.02 -2.10 2.88
N LEU A 20 -1.51 -2.30 1.67
CA LEU A 20 -0.96 -3.31 0.77
C LEU A 20 0.49 -2.97 0.41
N ILE A 21 0.74 -1.69 0.16
CA ILE A 21 2.09 -1.25 -0.19
C ILE A 21 3.06 -1.49 0.97
N GLY A 22 2.59 -1.17 2.17
CA GLY A 22 3.43 -1.36 3.36
C GLY A 22 3.84 -2.81 3.51
N TRP A 23 2.91 -3.72 3.23
CA TRP A 23 3.21 -5.15 3.33
C TRP A 23 4.25 -5.56 2.30
N ILE A 24 4.12 -5.02 1.09
CA ILE A 24 5.06 -5.33 0.02
C ILE A 24 6.46 -4.84 0.38
N VAL A 25 6.54 -3.60 0.86
CA VAL A 25 7.82 -3.01 1.23
C VAL A 25 8.48 -3.83 2.34
N GLY A 26 7.68 -4.20 3.35
CA GLY A 26 8.19 -4.97 4.47
C GLY A 26 8.76 -6.30 4.00
N CYS A 27 8.09 -6.92 3.04
CA CYS A 27 8.53 -8.20 2.51
C CYS A 27 9.90 -8.08 1.86
N ILE A 28 10.07 -7.04 1.04
CA ILE A 28 11.34 -6.81 0.35
C ILE A 28 12.46 -6.62 1.37
N ILE A 29 12.19 -5.83 2.41
CA ILE A 29 13.19 -5.58 3.44
C ILE A 29 13.54 -6.87 4.17
N MET A 30 12.52 -7.57 4.66
CA MET A 30 12.72 -8.82 5.38
C MET A 30 13.66 -9.73 4.58
N ILE A 31 13.46 -9.78 3.27
CA ILE A 31 14.29 -10.61 2.41
C ILE A 31 15.74 -10.15 2.46
N TYR A 32 15.93 -8.83 2.47
CA TYR A 32 17.28 -8.27 2.49
C TYR A 32 18.01 -8.67 3.77
N VAL A 33 17.30 -8.60 4.90
CA VAL A 33 17.88 -8.96 6.18
C VAL A 33 18.06 -10.48 6.28
N VAL A 34 17.01 -11.21 5.90
CA VAL A 34 17.06 -12.66 5.95
C VAL A 34 18.21 -13.19 5.09
N PHE A 35 18.43 -12.55 3.96
CA PHE A 35 19.49 -12.97 3.05
C PHE A 35 20.85 -12.86 3.72
N SER A 36 21.10 -11.70 4.34
CA SER A 36 22.37 -11.47 5.02
C SER A 36 22.23 -10.35 6.05
N MET A 2 -10.23 18.46 -15.39
CA MET A 2 -11.58 19.11 -15.37
C MET A 2 -12.15 19.01 -13.96
N ALA A 3 -11.58 19.78 -13.04
CA ALA A 3 -12.05 19.78 -11.66
C ALA A 3 -11.84 18.41 -11.03
N GLU A 4 -11.58 18.40 -9.72
CA GLU A 4 -11.37 17.16 -8.99
C GLU A 4 -12.67 16.37 -8.91
N LYS A 5 -12.55 15.03 -8.91
CA LYS A 5 -13.72 14.17 -8.83
C LYS A 5 -13.40 12.91 -8.05
N ALA A 6 -14.40 12.39 -7.34
CA ALA A 6 -14.21 11.17 -6.56
C ALA A 6 -13.26 11.43 -5.39
N GLY A 7 -13.12 12.70 -5.01
CA GLY A 7 -12.26 13.06 -3.91
C GLY A 7 -12.45 12.11 -2.73
N SER A 8 -13.70 11.91 -2.32
CA SER A 8 -14.00 11.02 -1.21
C SER A 8 -13.61 9.59 -1.56
N THR A 9 -13.84 9.19 -2.80
CA THR A 9 -13.53 7.84 -3.24
C THR A 9 -12.04 7.56 -3.07
N PHE A 10 -11.22 8.54 -3.44
CA PHE A 10 -9.77 8.40 -3.33
C PHE A 10 -9.35 8.19 -1.89
N SER A 11 -9.96 8.96 -0.98
CA SER A 11 -9.65 8.86 0.44
C SER A 11 -9.99 7.47 0.97
N HIS A 12 -11.16 6.95 0.57
CA HIS A 12 -11.59 5.64 1.01
C HIS A 12 -10.73 4.54 0.41
N LEU A 13 -10.38 4.71 -0.86
CA LEU A 13 -9.55 3.72 -1.55
C LEU A 13 -8.08 3.91 -1.17
N LEU A 14 -7.77 5.05 -0.57
CA LEU A 14 -6.40 5.33 -0.18
C LEU A 14 -5.98 4.46 1.00
N VAL A 15 -6.95 4.13 1.84
CA VAL A 15 -6.68 3.29 3.01
C VAL A 15 -6.16 1.93 2.60
N PRO A 16 -6.92 1.21 1.82
CA PRO A 16 -6.54 -0.15 1.36
C PRO A 16 -5.28 -0.14 0.50
N ILE A 17 -5.10 0.94 -0.26
CA ILE A 17 -3.92 1.06 -1.11
C ILE A 17 -2.66 1.19 -0.28
N LEU A 18 -2.73 1.99 0.78
CA LEU A 18 -1.58 2.20 1.65
C LEU A 18 -1.23 0.91 2.39
N LEU A 19 -2.27 0.19 2.82
CA LEU A 19 -2.06 -1.06 3.54
C LEU A 19 -1.42 -2.11 2.64
N LEU A 20 -1.93 -2.23 1.42
CA LEU A 20 -1.40 -3.20 0.46
C LEU A 20 0.04 -2.86 0.12
N ILE A 21 0.28 -1.58 -0.16
CA ILE A 21 1.63 -1.14 -0.51
C ILE A 21 2.60 -1.36 0.64
N GLY A 22 2.16 -1.00 1.85
CA GLY A 22 2.99 -1.16 3.03
C GLY A 22 3.36 -2.62 3.26
N TRP A 23 2.40 -3.51 3.07
CA TRP A 23 2.64 -4.93 3.25
C TRP A 23 3.70 -5.43 2.27
N ILE A 24 3.57 -5.01 1.01
CA ILE A 24 4.53 -5.40 -0.02
C ILE A 24 5.92 -4.91 0.32
N VAL A 25 6.02 -3.66 0.77
CA VAL A 25 7.30 -3.08 1.13
C VAL A 25 7.93 -3.85 2.29
N GLY A 26 7.11 -4.16 3.30
CA GLY A 26 7.61 -4.89 4.45
C GLY A 26 8.16 -6.26 4.05
N CYS A 27 7.47 -6.91 3.11
CA CYS A 27 7.91 -8.21 2.64
C CYS A 27 9.30 -8.11 2.00
N ILE A 28 9.50 -7.08 1.20
CA ILE A 28 10.77 -6.86 0.53
C ILE A 28 11.89 -6.70 1.55
N ILE A 29 11.61 -5.93 2.61
CA ILE A 29 12.61 -5.70 3.64
C ILE A 29 12.95 -6.99 4.35
N MET A 30 11.93 -7.70 4.83
CA MET A 30 12.14 -8.96 5.54
C MET A 30 13.09 -9.85 4.75
N ILE A 31 12.89 -9.88 3.43
CA ILE A 31 13.74 -10.70 2.56
C ILE A 31 15.19 -10.22 2.63
N TYR A 32 15.38 -8.91 2.63
CA TYR A 32 16.72 -8.34 2.69
C TYR A 32 17.43 -8.78 3.96
N VAL A 33 16.73 -8.71 5.08
CA VAL A 33 17.32 -9.10 6.37
C VAL A 33 17.48 -10.62 6.45
N VAL A 34 16.45 -11.35 6.06
CA VAL A 34 16.49 -12.79 6.09
C VAL A 34 17.62 -13.32 5.22
N PHE A 35 17.83 -12.67 4.08
CA PHE A 35 18.89 -13.08 3.16
C PHE A 35 20.26 -12.99 3.83
N SER A 36 20.54 -11.85 4.45
CA SER A 36 21.81 -11.64 5.12
C SER A 36 21.81 -12.31 6.48
N MET A 2 -14.39 -4.67 -5.56
CA MET A 2 -13.55 -5.35 -6.59
C MET A 2 -14.05 -4.97 -7.98
N ALA A 3 -13.10 -4.74 -8.89
CA ALA A 3 -13.46 -4.38 -10.26
C ALA A 3 -14.26 -3.07 -10.27
N GLU A 4 -13.91 -2.16 -9.38
CA GLU A 4 -14.59 -0.88 -9.30
C GLU A 4 -13.60 0.27 -9.48
N LYS A 5 -13.95 1.21 -10.35
CA LYS A 5 -13.08 2.35 -10.62
C LYS A 5 -13.89 3.65 -10.63
N ALA A 6 -13.52 4.58 -9.76
CA ALA A 6 -14.22 5.85 -9.69
C ALA A 6 -13.43 6.85 -8.84
N GLY A 7 -13.54 8.13 -9.19
CA GLY A 7 -12.82 9.17 -8.45
C GLY A 7 -12.98 8.96 -6.94
N SER A 8 -14.22 8.94 -6.48
CA SER A 8 -14.50 8.76 -5.06
C SER A 8 -14.04 7.38 -4.60
N THR A 9 -14.20 6.38 -5.47
CA THR A 9 -13.81 5.02 -5.15
C THR A 9 -12.31 4.95 -4.88
N PHE A 10 -11.54 5.67 -5.69
CA PHE A 10 -10.09 5.67 -5.55
C PHE A 10 -9.69 6.22 -4.18
N SER A 11 -10.19 7.41 -3.85
CA SER A 11 -9.89 8.02 -2.57
C SER A 11 -10.16 7.05 -1.43
N HIS A 12 -11.25 6.29 -1.55
CA HIS A 12 -11.60 5.31 -0.54
C HIS A 12 -10.60 4.15 -0.56
N LEU A 13 -10.18 3.76 -1.75
CA LEU A 13 -9.22 2.67 -1.88
C LEU A 13 -7.84 3.12 -1.40
N LEU A 14 -7.70 4.41 -1.13
CA LEU A 14 -6.42 4.94 -0.66
C LEU A 14 -5.98 4.22 0.61
N VAL A 15 -6.94 3.87 1.45
CA VAL A 15 -6.64 3.19 2.71
C VAL A 15 -6.04 1.81 2.45
N PRO A 16 -6.77 0.97 1.78
CA PRO A 16 -6.32 -0.41 1.46
C PRO A 16 -5.06 -0.43 0.60
N ILE A 17 -4.88 0.62 -0.20
CA ILE A 17 -3.71 0.73 -1.05
C ILE A 17 -2.45 0.94 -0.23
N LEU A 18 -2.54 1.80 0.78
CA LEU A 18 -1.40 2.06 1.65
C LEU A 18 -1.04 0.82 2.47
N LEU A 19 -2.06 0.12 2.92
CA LEU A 19 -1.85 -1.09 3.72
C LEU A 19 -1.18 -2.17 2.88
N LEU A 20 -1.68 -2.35 1.65
CA LEU A 20 -1.12 -3.35 0.76
C LEU A 20 0.32 -2.99 0.39
N ILE A 21 0.56 -1.71 0.11
CA ILE A 21 1.89 -1.25 -0.25
C ILE A 21 2.86 -1.46 0.92
N GLY A 22 2.41 -1.11 2.11
CA GLY A 22 3.23 -1.27 3.30
C GLY A 22 3.66 -2.72 3.48
N TRP A 23 2.75 -3.64 3.22
CA TRP A 23 3.05 -5.06 3.35
C TRP A 23 4.11 -5.47 2.34
N ILE A 24 4.01 -4.97 1.12
CA ILE A 24 4.97 -5.29 0.08
C ILE A 24 6.36 -4.79 0.46
N VAL A 25 6.43 -3.55 0.94
CA VAL A 25 7.70 -2.96 1.34
C VAL A 25 8.34 -3.77 2.46
N GLY A 26 7.52 -4.13 3.45
CA GLY A 26 8.02 -4.92 4.58
C GLY A 26 8.58 -6.25 4.10
N CYS A 27 7.90 -6.86 3.13
CA CYS A 27 8.34 -8.15 2.59
C CYS A 27 9.71 -8.01 1.95
N ILE A 28 9.89 -6.96 1.16
CA ILE A 28 11.16 -6.73 0.49
C ILE A 28 12.28 -6.55 1.50
N ILE A 29 12.01 -5.78 2.55
CA ILE A 29 13.01 -5.54 3.59
C ILE A 29 13.35 -6.84 4.31
N MET A 30 12.33 -7.53 4.79
CA MET A 30 12.54 -8.80 5.48
C MET A 30 13.47 -9.70 4.66
N ILE A 31 13.26 -9.73 3.36
CA ILE A 31 14.10 -10.54 2.48
C ILE A 31 15.55 -10.08 2.54
N TYR A 32 15.74 -8.76 2.53
CA TYR A 32 17.08 -8.19 2.58
C TYR A 32 17.80 -8.64 3.85
N VAL A 33 17.10 -8.59 4.98
CA VAL A 33 17.69 -9.00 6.24
C VAL A 33 17.85 -10.51 6.30
N VAL A 34 16.81 -11.24 5.90
CA VAL A 34 16.86 -12.69 5.91
C VAL A 34 18.00 -13.21 5.04
N PHE A 35 18.25 -12.53 3.93
CA PHE A 35 19.31 -12.92 3.02
C PHE A 35 20.67 -12.80 3.71
N SER A 36 20.91 -11.65 4.33
CA SER A 36 22.18 -11.41 5.02
C SER A 36 23.35 -11.51 4.05
N MET A 2 -15.21 13.49 -14.48
CA MET A 2 -16.30 14.30 -13.88
C MET A 2 -16.08 14.40 -12.37
N ALA A 3 -15.03 15.12 -11.97
CA ALA A 3 -14.72 15.28 -10.56
C ALA A 3 -14.71 13.93 -9.85
N GLU A 4 -14.19 12.92 -10.53
CA GLU A 4 -14.11 11.58 -9.95
C GLU A 4 -13.25 11.58 -8.70
N LYS A 5 -12.16 12.34 -8.74
CA LYS A 5 -11.26 12.43 -7.60
C LYS A 5 -11.84 13.30 -6.51
N ALA A 6 -12.97 12.87 -5.96
CA ALA A 6 -13.63 13.63 -4.89
C ALA A 6 -12.78 13.61 -3.62
N GLY A 7 -12.76 14.73 -2.90
CA GLY A 7 -11.98 14.82 -1.67
C GLY A 7 -12.21 13.59 -0.80
N SER A 8 -13.46 13.30 -0.51
CA SER A 8 -13.80 12.15 0.33
C SER A 8 -13.39 10.85 -0.37
N THR A 9 -13.55 10.80 -1.68
CA THR A 9 -13.20 9.61 -2.44
C THR A 9 -11.72 9.31 -2.32
N PHE A 10 -10.90 10.36 -2.41
CA PHE A 10 -9.46 10.19 -2.31
C PHE A 10 -9.07 9.60 -0.96
N SER A 11 -9.66 10.14 0.10
CA SER A 11 -9.39 9.65 1.45
C SER A 11 -9.89 8.23 1.63
N HIS A 12 -11.09 7.97 1.11
CA HIS A 12 -11.67 6.63 1.22
C HIS A 12 -10.80 5.61 0.49
N LEU A 13 -10.40 5.94 -0.73
CA LEU A 13 -9.58 5.05 -1.52
C LEU A 13 -8.09 5.32 -1.27
N LEU A 14 -7.68 5.18 -0.02
CA LEU A 14 -6.28 5.42 0.34
C LEU A 14 -5.84 4.43 1.42
N VAL A 15 -6.75 4.06 2.30
CA VAL A 15 -6.44 3.13 3.38
C VAL A 15 -6.05 1.77 2.80
N PRO A 16 -6.90 1.20 1.99
CA PRO A 16 -6.65 -0.14 1.37
C PRO A 16 -5.43 -0.13 0.47
N ILE A 17 -5.25 0.96 -0.27
CA ILE A 17 -4.10 1.09 -1.16
C ILE A 17 -2.80 1.20 -0.36
N LEU A 18 -2.86 1.96 0.73
CA LEU A 18 -1.69 2.14 1.59
C LEU A 18 -1.34 0.84 2.31
N LEU A 19 -2.37 0.16 2.81
CA LEU A 19 -2.16 -1.09 3.53
C LEU A 19 -1.52 -2.14 2.63
N LEU A 20 -2.04 -2.27 1.41
CA LEU A 20 -1.50 -3.25 0.47
C LEU A 20 -0.05 -2.90 0.11
N ILE A 21 0.20 -1.64 -0.18
CA ILE A 21 1.54 -1.19 -0.54
C ILE A 21 2.51 -1.45 0.61
N GLY A 22 2.09 -1.12 1.82
CA GLY A 22 2.94 -1.31 3.00
C GLY A 22 3.28 -2.78 3.19
N TRP A 23 2.28 -3.64 2.99
CA TRP A 23 2.49 -5.08 3.15
C TRP A 23 3.51 -5.58 2.14
N ILE A 24 3.35 -5.18 0.88
CA ILE A 24 4.27 -5.59 -0.17
C ILE A 24 5.68 -5.09 0.12
N VAL A 25 5.78 -3.83 0.53
CA VAL A 25 7.08 -3.24 0.83
C VAL A 25 7.74 -3.96 2.01
N GLY A 26 6.95 -4.23 3.05
CA GLY A 26 7.45 -4.91 4.24
C GLY A 26 8.00 -6.29 3.88
N CYS A 27 7.30 -6.99 2.99
CA CYS A 27 7.72 -8.32 2.58
C CYS A 27 9.10 -8.27 1.92
N ILE A 28 9.29 -7.30 1.03
CA ILE A 28 10.56 -7.15 0.35
C ILE A 28 11.68 -6.88 1.35
N ILE A 29 11.40 -6.02 2.32
CA ILE A 29 12.38 -5.68 3.33
C ILE A 29 12.75 -6.90 4.17
N MET A 30 11.73 -7.56 4.71
CA MET A 30 11.95 -8.75 5.52
C MET A 30 12.89 -9.73 4.81
N ILE A 31 12.68 -9.89 3.50
CA ILE A 31 13.52 -10.78 2.72
C ILE A 31 14.97 -10.30 2.72
N TYR A 32 15.14 -8.99 2.61
CA TYR A 32 16.48 -8.40 2.60
C TYR A 32 17.20 -8.70 3.91
N VAL A 33 16.49 -8.52 5.02
CA VAL A 33 17.08 -8.76 6.34
C VAL A 33 17.28 -10.25 6.58
N VAL A 34 16.24 -11.03 6.28
CA VAL A 34 16.29 -12.47 6.47
C VAL A 34 17.42 -13.07 5.64
N PHE A 35 17.62 -12.54 4.44
CA PHE A 35 18.65 -13.05 3.55
C PHE A 35 20.03 -12.87 4.16
N SER A 36 20.31 -11.67 4.65
CA SER A 36 21.59 -11.37 5.26
C SER A 36 21.48 -11.34 6.78
N MET A 2 -16.97 22.98 -2.93
CA MET A 2 -17.84 22.02 -3.66
C MET A 2 -17.29 20.60 -3.50
N ALA A 3 -18.10 19.71 -2.92
CA ALA A 3 -17.68 18.34 -2.71
C ALA A 3 -17.41 17.64 -4.03
N GLU A 4 -16.40 16.77 -4.04
CA GLU A 4 -16.03 16.05 -5.26
C GLU A 4 -16.13 14.55 -5.05
N LYS A 5 -16.85 13.88 -5.93
CA LYS A 5 -17.02 12.44 -5.83
C LYS A 5 -15.66 11.73 -5.89
N ALA A 6 -14.84 12.13 -6.85
CA ALA A 6 -13.51 11.53 -7.01
C ALA A 6 -12.67 11.77 -5.76
N GLY A 7 -12.68 13.02 -5.28
CA GLY A 7 -11.93 13.36 -4.08
C GLY A 7 -12.12 12.32 -2.99
N SER A 8 -13.38 12.07 -2.64
CA SER A 8 -13.69 11.10 -1.59
C SER A 8 -13.30 9.70 -2.03
N THR A 9 -13.53 9.40 -3.30
CA THR A 9 -13.21 8.08 -3.84
C THR A 9 -11.72 7.79 -3.69
N PHE A 10 -10.90 8.78 -4.01
CA PHE A 10 -9.45 8.60 -3.93
C PHE A 10 -9.04 8.29 -2.50
N SER A 11 -9.47 9.12 -1.56
CA SER A 11 -9.14 8.91 -0.15
C SER A 11 -9.64 7.54 0.30
N HIS A 12 -10.84 7.18 -0.12
CA HIS A 12 -11.42 5.89 0.27
C HIS A 12 -10.51 4.75 -0.17
N LEU A 13 -10.05 4.80 -1.40
CA LEU A 13 -9.17 3.77 -1.93
C LEU A 13 -7.72 4.02 -1.53
N LEU A 14 -7.46 5.23 -1.04
CA LEU A 14 -6.13 5.61 -0.61
C LEU A 14 -5.71 4.77 0.60
N VAL A 15 -6.67 4.48 1.47
CA VAL A 15 -6.39 3.72 2.68
C VAL A 15 -5.89 2.31 2.34
N PRO A 16 -6.68 1.56 1.62
CA PRO A 16 -6.32 0.17 1.23
C PRO A 16 -5.04 0.10 0.40
N ILE A 17 -4.85 1.10 -0.47
CA ILE A 17 -3.65 1.15 -1.30
C ILE A 17 -2.41 1.31 -0.43
N LEU A 18 -2.51 2.14 0.60
CA LEU A 18 -1.38 2.36 1.49
C LEU A 18 -1.03 1.09 2.23
N LEU A 19 -2.05 0.40 2.72
CA LEU A 19 -1.85 -0.84 3.46
C LEU A 19 -1.18 -1.88 2.57
N LEU A 20 -1.68 -2.03 1.35
CA LEU A 20 -1.12 -3.00 0.41
C LEU A 20 0.32 -2.65 0.07
N ILE A 21 0.58 -1.37 -0.20
CA ILE A 21 1.94 -0.93 -0.53
C ILE A 21 2.89 -1.19 0.64
N GLY A 22 2.43 -0.87 1.85
CA GLY A 22 3.23 -1.07 3.04
C GLY A 22 3.56 -2.55 3.24
N TRP A 23 2.56 -3.40 3.06
CA TRP A 23 2.76 -4.84 3.22
C TRP A 23 3.86 -5.33 2.28
N ILE A 24 3.79 -4.90 1.03
CA ILE A 24 4.78 -5.32 0.03
C ILE A 24 6.17 -4.84 0.45
N VAL A 25 6.22 -3.59 0.90
CA VAL A 25 7.49 -3.00 1.33
C VAL A 25 8.09 -3.80 2.47
N GLY A 26 7.24 -4.13 3.46
CA GLY A 26 7.70 -4.88 4.63
C GLY A 26 8.22 -6.25 4.22
N CYS A 27 7.52 -6.91 3.31
CA CYS A 27 7.93 -8.23 2.86
C CYS A 27 9.32 -8.15 2.24
N ILE A 28 9.53 -7.10 1.43
CA ILE A 28 10.82 -6.90 0.78
C ILE A 28 11.92 -6.78 1.82
N ILE A 29 11.64 -6.09 2.92
CA ILE A 29 12.62 -5.94 3.98
C ILE A 29 12.94 -7.28 4.64
N MET A 30 11.90 -7.99 5.09
CA MET A 30 12.12 -9.29 5.71
C MET A 30 13.05 -10.12 4.84
N ILE A 31 12.83 -10.05 3.54
CA ILE A 31 13.64 -10.78 2.57
C ILE A 31 15.10 -10.35 2.65
N TYR A 32 15.32 -9.05 2.82
CA TYR A 32 16.67 -8.51 2.90
C TYR A 32 17.38 -9.07 4.12
N VAL A 33 16.68 -9.11 5.24
CA VAL A 33 17.26 -9.61 6.48
C VAL A 33 17.43 -11.13 6.41
N VAL A 34 16.38 -11.81 5.97
CA VAL A 34 16.41 -13.27 5.89
C VAL A 34 17.57 -13.73 5.01
N PHE A 35 17.83 -12.99 3.94
CA PHE A 35 18.89 -13.34 3.01
C PHE A 35 20.27 -13.07 3.62
N SER A 36 20.38 -11.96 4.35
CA SER A 36 21.66 -11.62 4.98
C SER A 36 22.04 -12.67 6.03
N MET A 2 -17.01 11.15 -11.57
CA MET A 2 -18.49 11.05 -11.61
C MET A 2 -19.10 12.45 -11.49
N ALA A 3 -19.16 12.95 -10.27
CA ALA A 3 -19.72 14.28 -10.03
C ALA A 3 -18.60 15.31 -9.90
N GLU A 4 -17.54 15.13 -10.67
CA GLU A 4 -16.41 16.06 -10.62
C GLU A 4 -15.87 16.16 -9.19
N LYS A 5 -16.04 15.08 -8.42
CA LYS A 5 -15.57 15.06 -7.05
C LYS A 5 -15.18 13.64 -6.64
N ALA A 6 -13.97 13.50 -6.10
CA ALA A 6 -13.48 12.20 -5.68
C ALA A 6 -12.65 12.31 -4.40
N GLY A 7 -12.66 13.50 -3.80
CA GLY A 7 -11.91 13.73 -2.58
C GLY A 7 -12.12 12.60 -1.58
N SER A 8 -13.37 12.40 -1.16
CA SER A 8 -13.68 11.36 -0.18
C SER A 8 -13.40 9.98 -0.77
N THR A 9 -13.77 9.77 -2.02
CA THR A 9 -13.59 8.48 -2.66
C THR A 9 -12.10 8.12 -2.71
N PHE A 10 -11.25 9.14 -2.80
CA PHE A 10 -9.82 8.92 -2.85
C PHE A 10 -9.31 8.37 -1.52
N SER A 11 -9.64 9.07 -0.44
CA SER A 11 -9.22 8.63 0.89
C SER A 11 -9.65 7.19 1.14
N HIS A 12 -10.86 6.86 0.68
CA HIS A 12 -11.38 5.51 0.88
C HIS A 12 -10.48 4.48 0.23
N LEU A 13 -10.08 4.73 -1.01
CA LEU A 13 -9.22 3.81 -1.74
C LEU A 13 -7.76 3.97 -1.33
N LEU A 14 -7.45 5.12 -0.74
CA LEU A 14 -6.08 5.42 -0.32
C LEU A 14 -5.69 4.56 0.88
N VAL A 15 -6.66 4.25 1.72
CA VAL A 15 -6.38 3.46 2.92
C VAL A 15 -5.87 2.07 2.54
N PRO A 16 -6.64 1.35 1.78
CA PRO A 16 -6.29 -0.04 1.34
C PRO A 16 -5.03 -0.07 0.46
N ILE A 17 -4.86 0.96 -0.38
CA ILE A 17 -3.70 1.03 -1.26
C ILE A 17 -2.41 1.19 -0.46
N LEU A 18 -2.47 2.00 0.60
CA LEU A 18 -1.29 2.24 1.43
C LEU A 18 -0.94 0.99 2.23
N LEU A 19 -1.97 0.31 2.72
CA LEU A 19 -1.77 -0.89 3.51
C LEU A 19 -1.09 -1.97 2.67
N LEU A 20 -1.60 -2.16 1.45
CA LEU A 20 -1.05 -3.18 0.56
C LEU A 20 0.39 -2.84 0.18
N ILE A 21 0.63 -1.57 -0.13
CA ILE A 21 1.98 -1.14 -0.50
C ILE A 21 2.94 -1.36 0.66
N GLY A 22 2.51 -1.01 1.87
CA GLY A 22 3.35 -1.18 3.05
C GLY A 22 3.68 -2.65 3.26
N TRP A 23 2.68 -3.52 3.09
CA TRP A 23 2.88 -4.95 3.26
C TRP A 23 3.92 -5.48 2.28
N ILE A 24 3.77 -5.10 1.01
CA ILE A 24 4.71 -5.53 -0.02
C ILE A 24 6.11 -5.04 0.30
N VAL A 25 6.20 -3.78 0.72
CA VAL A 25 7.50 -3.19 1.06
C VAL A 25 8.13 -3.95 2.23
N GLY A 26 7.31 -4.28 3.21
CA GLY A 26 7.79 -5.01 4.38
C GLY A 26 8.36 -6.37 3.98
N CYS A 27 7.69 -7.03 3.04
CA CYS A 27 8.14 -8.34 2.58
C CYS A 27 9.52 -8.25 1.94
N ILE A 28 9.73 -7.24 1.10
CA ILE A 28 11.01 -7.06 0.43
C ILE A 28 12.13 -6.81 1.45
N ILE A 29 11.85 -6.00 2.46
CA ILE A 29 12.84 -5.70 3.48
C ILE A 29 13.20 -6.97 4.25
N MET A 30 12.18 -7.65 4.76
CA MET A 30 12.39 -8.89 5.51
C MET A 30 13.32 -9.84 4.75
N ILE A 31 13.08 -9.98 3.44
CA ILE A 31 13.92 -10.86 2.63
C ILE A 31 15.37 -10.38 2.65
N TYR A 32 15.56 -9.07 2.57
CA TYR A 32 16.90 -8.48 2.57
C TYR A 32 17.63 -8.82 3.87
N VAL A 33 16.92 -8.66 4.99
CA VAL A 33 17.51 -8.93 6.29
C VAL A 33 17.70 -10.44 6.49
N VAL A 34 16.65 -11.20 6.17
CA VAL A 34 16.70 -12.65 6.32
C VAL A 34 17.83 -13.23 5.47
N PHE A 35 18.02 -12.66 4.28
CA PHE A 35 19.05 -13.15 3.38
C PHE A 35 20.44 -12.98 4.01
N SER A 36 20.70 -11.79 4.55
CA SER A 36 21.98 -11.52 5.17
C SER A 36 22.03 -12.11 6.58
N MET A 2 -9.12 -2.10 -8.49
CA MET A 2 -10.04 -0.99 -8.84
C MET A 2 -9.23 0.28 -9.10
N ALA A 3 -8.03 0.10 -9.65
CA ALA A 3 -7.17 1.24 -9.96
C ALA A 3 -7.81 2.14 -10.99
N GLU A 4 -7.76 3.45 -10.75
CA GLU A 4 -8.35 4.42 -11.66
C GLU A 4 -9.77 4.02 -12.04
N LYS A 5 -10.46 3.34 -11.13
CA LYS A 5 -11.82 2.91 -11.38
C LYS A 5 -12.73 4.11 -11.62
N ALA A 6 -12.61 5.12 -10.77
CA ALA A 6 -13.41 6.33 -10.91
C ALA A 6 -12.73 7.52 -10.25
N GLY A 7 -12.94 8.71 -10.79
CA GLY A 7 -12.33 9.92 -10.24
C GLY A 7 -12.48 9.96 -8.72
N SER A 8 -13.72 9.98 -8.26
CA SER A 8 -14.00 10.02 -6.82
C SER A 8 -13.48 8.77 -6.12
N THR A 9 -13.65 7.62 -6.78
CA THR A 9 -13.20 6.35 -6.19
C THR A 9 -11.69 6.37 -5.94
N PHE A 10 -10.94 6.91 -6.89
CA PHE A 10 -9.49 6.98 -6.74
C PHE A 10 -9.10 7.80 -5.52
N SER A 11 -9.64 9.01 -5.43
CA SER A 11 -9.34 9.89 -4.30
C SER A 11 -9.77 9.22 -2.99
N HIS A 12 -10.95 8.62 -2.98
CA HIS A 12 -11.45 7.96 -1.77
C HIS A 12 -10.53 6.82 -1.36
N LEU A 13 -10.16 5.99 -2.34
CA LEU A 13 -9.28 4.85 -2.07
C LEU A 13 -7.95 5.33 -1.50
N LEU A 14 -7.74 5.10 -0.22
CA LEU A 14 -6.50 5.51 0.43
C LEU A 14 -6.04 4.46 1.45
N VAL A 15 -6.95 4.09 2.34
CA VAL A 15 -6.63 3.10 3.37
C VAL A 15 -6.28 1.76 2.74
N PRO A 16 -7.06 1.34 1.77
CA PRO A 16 -6.83 0.03 1.08
C PRO A 16 -5.48 -0.03 0.37
N ILE A 17 -5.18 1.02 -0.40
CA ILE A 17 -3.92 1.08 -1.14
C ILE A 17 -2.74 1.17 -0.17
N LEU A 18 -2.94 1.87 0.94
CA LEU A 18 -1.91 2.03 1.94
C LEU A 18 -1.58 0.70 2.61
N LEU A 19 -2.62 -0.04 3.01
CA LEU A 19 -2.42 -1.32 3.66
C LEU A 19 -1.77 -2.32 2.70
N LEU A 20 -2.28 -2.39 1.48
CA LEU A 20 -1.73 -3.32 0.49
C LEU A 20 -0.29 -2.96 0.12
N ILE A 21 -0.05 -1.68 -0.13
CA ILE A 21 1.29 -1.24 -0.48
C ILE A 21 2.26 -1.48 0.67
N GLY A 22 1.81 -1.17 1.89
CA GLY A 22 2.64 -1.36 3.07
C GLY A 22 3.02 -2.83 3.22
N TRP A 23 2.05 -3.71 2.98
CA TRP A 23 2.28 -5.14 3.09
C TRP A 23 3.36 -5.58 2.11
N ILE A 24 3.26 -5.11 0.86
CA ILE A 24 4.25 -5.46 -0.15
C ILE A 24 5.63 -4.94 0.23
N VAL A 25 5.68 -3.70 0.69
CA VAL A 25 6.95 -3.09 1.09
C VAL A 25 7.57 -3.86 2.24
N GLY A 26 6.76 -4.21 3.23
CA GLY A 26 7.24 -4.95 4.39
C GLY A 26 7.79 -6.32 3.97
N CYS A 27 7.10 -6.98 3.05
CA CYS A 27 7.52 -8.28 2.57
C CYS A 27 8.90 -8.19 1.93
N ILE A 28 9.08 -7.19 1.08
CA ILE A 28 10.35 -7.00 0.39
C ILE A 28 11.47 -6.77 1.41
N ILE A 29 11.20 -5.96 2.41
CA ILE A 29 12.19 -5.67 3.44
C ILE A 29 12.55 -6.92 4.21
N MET A 30 11.53 -7.61 4.71
CA MET A 30 11.74 -8.84 5.47
C MET A 30 12.69 -9.77 4.73
N ILE A 31 12.50 -9.89 3.42
CA ILE A 31 13.34 -10.75 2.60
C ILE A 31 14.80 -10.25 2.65
N TYR A 32 14.97 -8.94 2.58
CA TYR A 32 16.31 -8.36 2.62
C TYR A 32 17.02 -8.71 3.92
N VAL A 33 16.31 -8.56 5.04
CA VAL A 33 16.90 -8.87 6.33
C VAL A 33 17.11 -10.36 6.49
N VAL A 34 16.07 -11.12 6.12
CA VAL A 34 16.12 -12.57 6.21
C VAL A 34 17.29 -13.10 5.40
N PHE A 35 17.54 -12.47 4.26
CA PHE A 35 18.64 -12.87 3.39
C PHE A 35 19.98 -12.71 4.09
N SER A 36 20.19 -11.55 4.70
CA SER A 36 21.44 -11.28 5.41
C SER A 36 21.32 -11.64 6.88
N MET A 2 -10.76 -3.70 -5.97
CA MET A 2 -10.62 -2.40 -6.69
C MET A 2 -10.85 -2.63 -8.19
N ALA A 3 -11.75 -3.55 -8.51
CA ALA A 3 -12.05 -3.85 -9.91
C ALA A 3 -12.60 -2.62 -10.61
N GLU A 4 -13.43 -1.86 -9.91
CA GLU A 4 -14.02 -0.64 -10.49
C GLU A 4 -13.13 0.57 -10.21
N LYS A 5 -12.76 1.28 -11.26
CA LYS A 5 -11.92 2.47 -11.11
C LYS A 5 -12.68 3.72 -11.54
N ALA A 6 -12.48 4.80 -10.80
CA ALA A 6 -13.14 6.06 -11.12
C ALA A 6 -12.41 7.23 -10.48
N GLY A 7 -12.59 8.43 -11.05
CA GLY A 7 -11.93 9.61 -10.52
C GLY A 7 -12.08 9.70 -9.01
N SER A 8 -13.33 9.72 -8.54
CA SER A 8 -13.59 9.81 -7.11
C SER A 8 -13.10 8.56 -6.39
N THR A 9 -13.22 7.41 -7.04
CA THR A 9 -12.79 6.16 -6.44
C THR A 9 -11.28 6.18 -6.18
N PHE A 10 -10.53 6.68 -7.15
CA PHE A 10 -9.08 6.75 -7.01
C PHE A 10 -8.69 7.60 -5.81
N SER A 11 -9.23 8.81 -5.73
CA SER A 11 -8.94 9.70 -4.61
C SER A 11 -9.35 9.05 -3.30
N HIS A 12 -10.52 8.44 -3.28
CA HIS A 12 -11.01 7.78 -2.07
C HIS A 12 -10.07 6.67 -1.64
N LEU A 13 -9.69 5.81 -2.58
CA LEU A 13 -8.77 4.72 -2.29
C LEU A 13 -7.45 5.25 -1.76
N LEU A 14 -7.22 5.09 -0.46
CA LEU A 14 -5.99 5.56 0.16
C LEU A 14 -5.50 4.57 1.21
N VAL A 15 -6.36 4.25 2.17
CA VAL A 15 -5.99 3.32 3.23
C VAL A 15 -5.65 1.94 2.65
N PRO A 16 -6.52 1.40 1.85
CA PRO A 16 -6.33 0.07 1.23
C PRO A 16 -5.03 0.00 0.43
N ILE A 17 -4.77 1.02 -0.38
CA ILE A 17 -3.56 1.06 -1.18
C ILE A 17 -2.32 1.14 -0.28
N LEU A 18 -2.43 1.93 0.78
CA LEU A 18 -1.32 2.10 1.71
C LEU A 18 -0.98 0.78 2.40
N LEU A 19 -2.01 0.04 2.79
CA LEU A 19 -1.81 -1.24 3.45
C LEU A 19 -1.15 -2.23 2.51
N LEU A 20 -1.66 -2.31 1.29
CA LEU A 20 -1.12 -3.24 0.30
C LEU A 20 0.33 -2.91 -0.03
N ILE A 21 0.59 -1.64 -0.34
CA ILE A 21 1.94 -1.21 -0.68
C ILE A 21 2.86 -1.35 0.51
N GLY A 22 2.34 -1.06 1.70
CA GLY A 22 3.14 -1.17 2.92
C GLY A 22 3.54 -2.62 3.16
N TRP A 23 2.60 -3.54 2.97
CA TRP A 23 2.86 -4.95 3.18
C TRP A 23 3.90 -5.46 2.18
N ILE A 24 3.78 -5.01 0.94
CA ILE A 24 4.71 -5.41 -0.10
C ILE A 24 6.12 -4.94 0.23
N VAL A 25 6.22 -3.69 0.69
CA VAL A 25 7.51 -3.12 1.04
C VAL A 25 8.14 -3.88 2.21
N GLY A 26 7.30 -4.26 3.17
CA GLY A 26 7.77 -5.01 4.32
C GLY A 26 8.29 -6.38 3.92
N CYS A 27 7.56 -7.05 3.04
CA CYS A 27 7.95 -8.38 2.61
C CYS A 27 9.32 -8.37 1.95
N ILE A 28 9.49 -7.48 0.99
CA ILE A 28 10.77 -7.38 0.27
C ILE A 28 11.89 -7.05 1.24
N ILE A 29 11.60 -6.15 2.18
CA ILE A 29 12.60 -5.77 3.18
C ILE A 29 12.96 -6.96 4.05
N MET A 30 11.95 -7.62 4.60
CA MET A 30 12.18 -8.77 5.46
C MET A 30 13.10 -9.77 4.77
N ILE A 31 12.88 -9.98 3.48
CA ILE A 31 13.71 -10.90 2.71
C ILE A 31 15.15 -10.42 2.68
N TYR A 32 15.33 -9.11 2.54
CA TYR A 32 16.68 -8.55 2.48
C TYR A 32 17.41 -8.75 3.81
N VAL A 33 16.69 -8.51 4.91
CA VAL A 33 17.28 -8.68 6.23
C VAL A 33 17.49 -10.15 6.56
N VAL A 34 16.45 -10.95 6.31
CA VAL A 34 16.52 -12.38 6.58
C VAL A 34 17.63 -13.03 5.78
N PHE A 35 17.80 -12.58 4.55
CA PHE A 35 18.83 -13.14 3.67
C PHE A 35 20.23 -12.91 4.26
N SER A 36 20.48 -11.68 4.70
CA SER A 36 21.77 -11.35 5.28
C SER A 36 21.89 -11.90 6.70
N MET A 2 -9.84 18.33 -9.30
CA MET A 2 -9.29 19.40 -8.43
C MET A 2 -10.18 19.58 -7.21
N ALA A 3 -11.36 20.13 -7.42
CA ALA A 3 -12.30 20.36 -6.32
C ALA A 3 -12.67 19.03 -5.67
N GLU A 4 -12.84 18.00 -6.49
CA GLU A 4 -13.19 16.68 -5.97
C GLU A 4 -12.08 16.13 -5.08
N LYS A 5 -12.34 16.03 -3.79
CA LYS A 5 -11.34 15.53 -2.86
C LYS A 5 -11.92 15.47 -1.45
N ALA A 6 -13.09 14.85 -1.32
CA ALA A 6 -13.73 14.74 -0.02
C ALA A 6 -12.84 13.94 0.93
N GLY A 7 -12.66 14.48 2.14
CA GLY A 7 -11.83 13.81 3.14
C GLY A 7 -12.14 12.31 3.19
N SER A 8 -13.42 11.99 3.31
CA SER A 8 -13.84 10.59 3.40
C SER A 8 -13.51 9.86 2.09
N THR A 9 -13.68 10.57 0.97
CA THR A 9 -13.40 9.96 -0.33
C THR A 9 -11.94 9.55 -0.45
N PHE A 10 -11.05 10.47 -0.09
CA PHE A 10 -9.62 10.21 -0.15
C PHE A 10 -9.25 9.04 0.77
N SER A 11 -9.79 9.05 1.97
CA SER A 11 -9.53 7.99 2.94
C SER A 11 -10.01 6.64 2.39
N HIS A 12 -11.14 6.66 1.69
CA HIS A 12 -11.70 5.44 1.14
C HIS A 12 -10.68 4.78 0.21
N LEU A 13 -10.12 5.55 -0.72
CA LEU A 13 -9.13 5.03 -1.64
C LEU A 13 -7.72 5.36 -1.16
N LEU A 14 -7.42 5.00 0.09
CA LEU A 14 -6.11 5.28 0.66
C LEU A 14 -5.73 4.18 1.66
N VAL A 15 -6.71 3.72 2.41
CA VAL A 15 -6.46 2.68 3.41
C VAL A 15 -5.93 1.41 2.75
N PRO A 16 -6.67 0.88 1.81
CA PRO A 16 -6.30 -0.37 1.10
C PRO A 16 -5.00 -0.22 0.30
N ILE A 17 -4.78 0.97 -0.22
CA ILE A 17 -3.58 1.24 -1.01
C ILE A 17 -2.35 1.26 -0.12
N LEU A 18 -2.47 1.93 1.04
CA LEU A 18 -1.35 2.03 1.97
C LEU A 18 -1.03 0.67 2.58
N LEU A 19 -2.07 -0.06 2.98
CA LEU A 19 -1.89 -1.37 3.57
C LEU A 19 -1.24 -2.33 2.57
N LEU A 20 -1.77 -2.34 1.35
CA LEU A 20 -1.25 -3.23 0.32
C LEU A 20 0.20 -2.88 0.00
N ILE A 21 0.47 -1.58 -0.17
CA ILE A 21 1.82 -1.13 -0.48
C ILE A 21 2.78 -1.45 0.66
N GLY A 22 2.33 -1.21 1.89
CA GLY A 22 3.16 -1.48 3.06
C GLY A 22 3.53 -2.95 3.14
N TRP A 23 2.57 -3.81 2.84
CA TRP A 23 2.80 -5.25 2.87
C TRP A 23 3.93 -5.63 1.92
N ILE A 24 3.86 -5.11 0.70
CA ILE A 24 4.88 -5.40 -0.31
C ILE A 24 6.24 -4.90 0.16
N VAL A 25 6.27 -3.67 0.67
CA VAL A 25 7.52 -3.08 1.14
C VAL A 25 8.11 -3.90 2.28
N GLY A 26 7.26 -4.28 3.23
CA GLY A 26 7.70 -5.07 4.37
C GLY A 26 8.26 -6.41 3.92
N CYS A 27 7.58 -7.04 2.96
CA CYS A 27 8.02 -8.33 2.45
C CYS A 27 9.41 -8.21 1.80
N ILE A 28 9.58 -7.19 0.99
CA ILE A 28 10.87 -6.97 0.32
C ILE A 28 11.98 -6.76 1.35
N ILE A 29 11.69 -5.96 2.36
CA ILE A 29 12.67 -5.67 3.40
C ILE A 29 13.03 -6.94 4.16
N MET A 30 12.02 -7.62 4.67
CA MET A 30 12.22 -8.86 5.41
C MET A 30 13.20 -9.77 4.66
N ILE A 31 13.02 -9.85 3.34
CA ILE A 31 13.91 -10.67 2.53
C ILE A 31 15.35 -10.16 2.60
N TYR A 32 15.50 -8.84 2.53
CA TYR A 32 16.82 -8.23 2.57
C TYR A 32 17.54 -8.58 3.87
N VAL A 33 16.84 -8.43 4.98
CA VAL A 33 17.43 -8.69 6.29
C VAL A 33 17.61 -10.19 6.50
N VAL A 34 16.58 -10.96 6.18
CA VAL A 34 16.63 -12.40 6.33
C VAL A 34 17.80 -12.99 5.54
N PHE A 35 18.04 -12.42 4.36
CA PHE A 35 19.14 -12.90 3.51
C PHE A 35 20.48 -12.53 4.13
N SER A 36 20.57 -11.33 4.70
CA SER A 36 21.81 -10.89 5.32
C SER A 36 22.92 -10.76 4.28
N MET A 2 -16.58 16.14 -11.81
CA MET A 2 -15.78 14.92 -12.12
C MET A 2 -14.72 14.72 -11.05
N ALA A 3 -13.80 15.68 -10.94
CA ALA A 3 -12.73 15.60 -9.97
C ALA A 3 -13.25 15.92 -8.57
N GLU A 4 -14.46 16.46 -8.51
CA GLU A 4 -15.06 16.82 -7.23
C GLU A 4 -15.21 15.60 -6.35
N LYS A 5 -16.13 14.70 -6.72
CA LYS A 5 -16.36 13.48 -5.95
C LYS A 5 -15.11 12.62 -5.91
N ALA A 6 -14.24 12.79 -6.91
CA ALA A 6 -13.01 12.02 -6.98
C ALA A 6 -12.14 12.30 -5.75
N GLY A 7 -12.10 13.55 -5.32
CA GLY A 7 -11.31 13.93 -4.16
C GLY A 7 -11.51 12.94 -3.02
N SER A 8 -12.76 12.73 -2.63
CA SER A 8 -13.06 11.81 -1.54
C SER A 8 -12.69 10.38 -1.91
N THR A 9 -12.95 10.01 -3.16
CA THR A 9 -12.66 8.67 -3.64
C THR A 9 -11.16 8.37 -3.51
N PHE A 10 -10.34 9.35 -3.89
CA PHE A 10 -8.90 9.18 -3.82
C PHE A 10 -8.45 8.93 -2.38
N SER A 11 -8.87 9.81 -1.48
CA SER A 11 -8.52 9.68 -0.08
C SER A 11 -9.02 8.34 0.48
N HIS A 12 -10.22 7.94 0.07
CA HIS A 12 -10.79 6.68 0.52
C HIS A 12 -9.93 5.51 0.06
N LEU A 13 -9.55 5.53 -1.22
CA LEU A 13 -8.76 4.44 -1.79
C LEU A 13 -7.29 4.62 -1.41
N LEU A 14 -6.96 5.76 -0.80
CA LEU A 14 -5.59 6.05 -0.41
C LEU A 14 -5.14 5.11 0.70
N VAL A 15 -6.05 4.82 1.63
CA VAL A 15 -5.72 3.98 2.77
C VAL A 15 -5.51 2.53 2.32
N PRO A 16 -6.49 1.97 1.66
CA PRO A 16 -6.40 0.58 1.12
C PRO A 16 -5.11 0.33 0.37
N ILE A 17 -4.89 1.09 -0.69
CA ILE A 17 -3.69 0.96 -1.51
C ILE A 17 -2.44 1.14 -0.66
N LEU A 18 -2.53 1.97 0.36
CA LEU A 18 -1.38 2.22 1.23
C LEU A 18 -1.05 0.99 2.08
N LEU A 19 -2.07 0.32 2.59
CA LEU A 19 -1.86 -0.87 3.41
C LEU A 19 -1.19 -1.96 2.58
N LEU A 20 -1.70 -2.18 1.38
CA LEU A 20 -1.13 -3.20 0.50
C LEU A 20 0.32 -2.87 0.14
N ILE A 21 0.57 -1.62 -0.23
CA ILE A 21 1.92 -1.19 -0.58
C ILE A 21 2.85 -1.37 0.61
N GLY A 22 2.38 -1.00 1.79
CA GLY A 22 3.17 -1.12 3.01
C GLY A 22 3.53 -2.59 3.25
N TRP A 23 2.53 -3.46 3.09
CA TRP A 23 2.72 -4.88 3.29
C TRP A 23 3.80 -5.39 2.35
N ILE A 24 3.74 -4.94 1.11
CA ILE A 24 4.72 -5.35 0.10
C ILE A 24 6.12 -4.90 0.51
N VAL A 25 6.22 -3.68 1.03
CA VAL A 25 7.51 -3.15 1.45
C VAL A 25 8.10 -3.99 2.58
N GLY A 26 7.25 -4.36 3.54
CA GLY A 26 7.70 -5.17 4.66
C GLY A 26 8.22 -6.53 4.19
N CYS A 27 7.51 -7.13 3.25
CA CYS A 27 7.91 -8.42 2.71
C CYS A 27 9.28 -8.35 2.07
N ILE A 28 9.49 -7.32 1.25
CA ILE A 28 10.78 -7.12 0.59
C ILE A 28 11.89 -6.96 1.62
N ILE A 29 11.62 -6.19 2.67
CA ILE A 29 12.61 -5.97 3.72
C ILE A 29 12.95 -7.27 4.42
N MET A 30 11.93 -7.97 4.90
CA MET A 30 12.14 -9.23 5.59
C MET A 30 13.09 -10.14 4.81
N ILE A 31 12.88 -10.21 3.50
CA ILE A 31 13.72 -11.03 2.64
C ILE A 31 15.17 -10.55 2.69
N TYR A 32 15.36 -9.24 2.69
CA TYR A 32 16.70 -8.66 2.73
C TYR A 32 17.42 -9.07 4.00
N VAL A 33 16.72 -8.98 5.13
CA VAL A 33 17.31 -9.33 6.41
C VAL A 33 17.47 -10.84 6.54
N VAL A 34 16.43 -11.58 6.19
CA VAL A 34 16.48 -13.03 6.28
C VAL A 34 17.60 -13.60 5.41
N PHE A 35 17.81 -12.98 4.25
CA PHE A 35 18.85 -13.44 3.33
C PHE A 35 20.23 -13.21 3.93
N SER A 36 20.44 -12.03 4.49
CA SER A 36 21.72 -11.69 5.09
C SER A 36 21.58 -10.52 6.04
#